data_5QQ7
#
_entry.id   5QQ7
#
_cell.length_a   57.759
_cell.length_b   57.759
_cell.length_c   396.037
_cell.angle_alpha   90.000
_cell.angle_beta   90.000
_cell.angle_gamma   120.000
#
_symmetry.space_group_name_H-M   'P 61 2 2'
#
loop_
_entity.id
_entity.type
_entity.pdbx_description
1 polymer 'Farnesyl diphosphate synthase'
2 non-polymer 'SULFATE ION'
3 non-polymer 'ACETATE ION'
4 non-polymer 'ZINC ION'
5 non-polymer [(3~{S},3~{a}~{S},8~{b}~{S})-3-(hydroxymethyl)-2,3,3~{a},8~{b}-tetrahydro-[1]benzofuro[3,2-b]pyrrol-1-yl]-phenyl-methanone
6 water water
#
_entity_poly.entity_id   1
_entity_poly.type   'polypeptide(L)'
_entity_poly.pdbx_seq_one_letter_code
;GPMASMERFLSVYDEVQAFLLDQLQSKYEIDPNRARYLRIMMDTTCLGGKYFRGMTVVNVAEGFLAVTQHDEATKERILH
DACVGGWMIEFLQAHYLVEDDIMDGSVMRRGKPCWYRFPGVTTQCAINDGIILKSWTQIMAWHYFADRPFLKDLLCLFQK
VDYATAVGQMYDVTSMCDSNKLDPEVAQPMTTDFAEFTPAIYKRIVKYKTTFYTYLLPLVMGLLVSEAAASVEMNLVERV
AHLIGEYFQVQDDVMDCFTPPEQLGKVGTDIEDAKCSWLAVTFLGKANAAQVAEFKANYGEKDPAKVAVVKRLYSKANLQ
ADFAAYEAEVVREVESLIEQLKVKSPTFAESVAVVWEKTHKRKK
;
_entity_poly.pdbx_strand_id   A
#
# COMPACT_ATOMS: atom_id res chain seq x y z
N MET A 3 3.70 25.22 -12.25
CA MET A 3 2.60 24.61 -11.42
C MET A 3 3.14 23.67 -10.29
N ALA A 4 2.66 23.85 -9.03
CA ALA A 4 3.06 22.95 -7.91
C ALA A 4 2.47 21.56 -8.19
N SER A 5 3.23 20.57 -7.78
CA SER A 5 2.97 19.20 -8.17
C SER A 5 1.60 18.73 -7.74
N MET A 6 1.24 19.01 -6.49
CA MET A 6 -0.03 18.57 -5.95
C MET A 6 -1.21 19.13 -6.73
N GLU A 7 -1.18 20.41 -7.11
CA GLU A 7 -2.30 20.99 -7.86
C GLU A 7 -2.36 20.40 -9.24
N ARG A 8 -1.21 20.08 -9.85
CA ARG A 8 -1.25 19.40 -11.09
C ARG A 8 -1.90 18.02 -10.91
N PHE A 9 -1.49 17.34 -9.85
CA PHE A 9 -1.98 15.96 -9.62
C PHE A 9 -3.47 15.92 -9.36
N LEU A 10 -3.92 16.85 -8.52
CA LEU A 10 -5.36 16.99 -8.27
C LEU A 10 -6.20 17.44 -9.41
N SER A 11 -5.69 18.36 -10.27
CA SER A 11 -6.34 18.68 -11.47
C SER A 11 -6.54 17.58 -12.42
N VAL A 12 -5.50 16.72 -12.52
CA VAL A 12 -5.61 15.56 -13.38
C VAL A 12 -6.67 14.59 -12.84
N TYR A 13 -6.82 14.47 -11.51
CA TYR A 13 -7.93 13.69 -11.04
C TYR A 13 -9.27 14.17 -11.66
N ASP A 14 -9.54 15.46 -11.64
CA ASP A 14 -10.82 15.90 -12.20
C ASP A 14 -10.98 15.58 -13.67
N GLU A 15 -9.86 15.65 -14.39
CA GLU A 15 -9.81 15.33 -15.75
C GLU A 15 -10.14 13.85 -16.03
N VAL A 16 -9.48 13.01 -15.27
CA VAL A 16 -9.63 11.60 -15.42
C VAL A 16 -11.05 11.15 -15.03
N GLN A 17 -11.52 11.72 -13.96
CA GLN A 17 -12.93 11.50 -13.54
C GLN A 17 -13.88 11.82 -14.69
N ALA A 18 -13.76 13.04 -15.23
CA ALA A 18 -14.62 13.47 -16.30
C ALA A 18 -14.57 12.54 -17.48
N PHE A 19 -13.34 12.16 -17.90
CA PHE A 19 -13.15 11.20 -18.89
C PHE A 19 -13.89 9.85 -18.69
N LEU A 20 -13.68 9.28 -17.50
CA LEU A 20 -14.29 8.00 -17.20
C LEU A 20 -15.84 8.15 -17.25
N LEU A 21 -16.39 9.16 -16.61
CA LEU A 21 -17.83 9.28 -16.50
C LEU A 21 -18.45 9.66 -17.87
N ASP A 22 -17.76 10.50 -18.64
CA ASP A 22 -18.25 10.85 -20.01
C ASP A 22 -18.25 9.60 -20.89
N GLN A 23 -17.20 8.79 -20.78
CA GLN A 23 -17.14 7.54 -21.51
C GLN A 23 -18.27 6.57 -21.08
N LEU A 24 -18.59 6.51 -19.80
CA LEU A 24 -19.71 5.63 -19.38
C LEU A 24 -20.97 6.08 -20.06
N GLN A 25 -21.16 7.39 -20.12
CA GLN A 25 -22.39 7.92 -20.80
C GLN A 25 -22.37 7.66 -22.36
N SER A 26 -21.24 7.84 -23.01
CA SER A 26 -21.22 7.76 -24.44
C SER A 26 -21.11 6.40 -24.94
N LYS A 27 -20.54 5.45 -24.18
CA LYS A 27 -20.24 4.16 -24.70
C LYS A 27 -20.87 3.02 -23.92
N TYR A 28 -21.28 3.25 -22.67
CA TYR A 28 -21.74 2.20 -21.77
C TYR A 28 -23.16 2.39 -21.37
N GLU A 29 -23.82 3.37 -21.99
CA GLU A 29 -25.27 3.58 -21.83
C GLU A 29 -25.69 3.99 -20.41
N ILE A 30 -24.79 4.61 -19.68
CA ILE A 30 -25.13 4.89 -18.33
C ILE A 30 -26.12 6.04 -18.26
N ASP A 31 -26.90 6.05 -17.23
CA ASP A 31 -27.83 7.11 -16.85
C ASP A 31 -27.23 8.01 -15.78
N PRO A 32 -27.76 9.23 -15.60
CA PRO A 32 -27.16 10.22 -14.73
C PRO A 32 -27.09 9.83 -13.31
N ASN A 33 -28.07 9.13 -12.79
CA ASN A 33 -28.06 8.80 -11.42
C ASN A 33 -26.95 7.74 -11.07
N ARG A 34 -26.84 6.80 -11.99
CA ARG A 34 -25.74 5.79 -11.78
C ARG A 34 -24.39 6.41 -12.00
N ALA A 35 -24.30 7.34 -12.95
CA ALA A 35 -23.07 8.12 -13.06
C ALA A 35 -22.75 8.84 -11.83
N ARG A 36 -23.76 9.49 -11.20
CA ARG A 36 -23.50 10.13 -9.96
C ARG A 36 -23.06 9.19 -8.80
N TYR A 37 -23.69 8.02 -8.67
CA TYR A 37 -23.30 7.04 -7.68
C TYR A 37 -21.77 6.75 -7.89
N LEU A 38 -21.35 6.60 -9.12
CA LEU A 38 -19.89 6.19 -9.48
C LEU A 38 -18.96 7.26 -9.21
N ARG A 39 -19.40 8.52 -9.45
CA ARG A 39 -18.65 9.67 -9.14
C ARG A 39 -18.40 9.82 -7.66
N ILE A 40 -19.50 9.60 -6.87
CA ILE A 40 -19.36 9.65 -5.44
C ILE A 40 -18.50 8.49 -4.88
N MET A 41 -18.66 7.33 -5.45
CA MET A 41 -17.82 6.19 -5.11
C MET A 41 -16.34 6.46 -5.33
N MET A 42 -16.05 7.05 -6.47
CA MET A 42 -14.67 7.32 -6.89
C MET A 42 -14.13 8.30 -5.86
N ASP A 43 -14.84 9.42 -5.62
CA ASP A 43 -14.35 10.39 -4.70
C ASP A 43 -14.12 9.86 -3.29
N THR A 44 -15.08 9.05 -2.88
CA THR A 44 -15.04 8.57 -1.52
C THR A 44 -13.94 7.59 -1.25
N THR A 45 -13.60 6.80 -2.27
CA THR A 45 -12.65 5.74 -2.15
C THR A 45 -11.26 6.16 -2.59
N CYS A 46 -11.17 7.18 -3.43
CA CYS A 46 -9.81 7.54 -3.98
C CYS A 46 -9.20 8.81 -3.41
N LEU A 47 -10.05 9.66 -2.80
CA LEU A 47 -9.63 10.92 -2.27
C LEU A 47 -9.60 10.97 -0.75
N GLY A 48 -8.74 11.84 -0.23
CA GLY A 48 -8.66 12.20 1.17
C GLY A 48 -7.49 11.65 1.94
N GLY A 49 -6.68 10.79 1.33
CA GLY A 49 -5.40 10.36 1.85
C GLY A 49 -4.31 11.38 1.51
N LYS A 50 -3.06 10.96 1.64
CA LYS A 50 -1.92 11.90 1.40
C LYS A 50 -1.41 11.84 -0.07
N TYR A 51 -1.84 10.83 -0.77
CA TYR A 51 -1.50 10.62 -2.17
C TYR A 51 -0.01 10.39 -2.27
N PHE A 52 0.55 9.77 -1.27
CA PHE A 52 1.96 9.49 -1.28
C PHE A 52 2.39 8.68 -2.51
N ARG A 53 1.67 7.61 -2.80
CA ARG A 53 1.96 6.76 -3.88
C ARG A 53 1.93 7.46 -5.21
N GLY A 54 0.85 8.11 -5.52
CA GLY A 54 0.72 8.78 -6.81
C GLY A 54 1.71 9.94 -6.92
N MET A 55 1.90 10.72 -5.87
CA MET A 55 2.88 11.80 -5.86
C MET A 55 4.31 11.38 -6.00
N THR A 56 4.65 10.15 -5.65
CA THR A 56 5.99 9.58 -5.85
C THR A 56 6.27 9.47 -7.35
N VAL A 57 5.31 9.03 -8.13
CA VAL A 57 5.47 8.96 -9.65
C VAL A 57 5.81 10.38 -10.19
N VAL A 58 5.05 11.38 -9.71
CA VAL A 58 5.24 12.77 -10.08
C VAL A 58 6.63 13.23 -9.63
N ASN A 59 7.01 12.90 -8.42
CA ASN A 59 8.30 13.40 -7.91
C ASN A 59 9.50 12.80 -8.66
N VAL A 60 9.42 11.52 -9.01
CA VAL A 60 10.48 10.85 -9.74
C VAL A 60 10.59 11.54 -11.10
N ALA A 61 9.44 11.73 -11.73
CA ALA A 61 9.41 12.34 -13.12
C ALA A 61 9.96 13.76 -13.07
N GLU A 62 9.60 14.53 -12.05
CA GLU A 62 10.14 15.93 -11.91
C GLU A 62 11.65 15.93 -11.75
N GLY A 63 12.21 14.94 -11.02
CA GLY A 63 13.64 14.81 -10.82
C GLY A 63 14.32 14.66 -12.14
N PHE A 64 13.82 13.77 -13.00
CA PHE A 64 14.38 13.60 -14.33
C PHE A 64 14.26 14.79 -15.24
N LEU A 65 13.20 15.52 -15.09
CA LEU A 65 12.97 16.71 -15.91
C LEU A 65 14.06 17.72 -15.64
N ALA A 66 14.54 17.79 -14.40
CA ALA A 66 15.46 18.82 -13.99
C ALA A 66 16.81 18.54 -14.60
N VAL A 67 17.08 17.38 -15.15
CA VAL A 67 18.42 17.04 -15.64
C VAL A 67 18.40 16.55 -17.10
N THR A 68 17.25 16.64 -17.78
CA THR A 68 17.09 16.09 -19.10
C THR A 68 16.53 17.22 -20.00
N GLN A 69 17.07 17.35 -21.18
CA GLN A 69 16.63 18.34 -22.11
C GLN A 69 15.38 17.89 -22.82
N HIS A 70 14.40 18.79 -22.80
CA HIS A 70 13.13 18.55 -23.47
C HIS A 70 12.45 19.87 -23.83
N ASP A 71 11.61 19.80 -24.84
CA ASP A 71 10.68 20.88 -25.24
C ASP A 71 9.74 21.08 -24.09
N GLU A 72 9.23 22.28 -23.96
CA GLU A 72 8.20 22.53 -22.91
C GLU A 72 7.02 21.59 -23.03
N ALA A 73 6.54 21.36 -24.24
CA ALA A 73 5.35 20.52 -24.44
C ALA A 73 5.68 19.10 -24.00
N THR A 74 6.95 18.71 -24.11
CA THR A 74 7.37 17.38 -23.67
C THR A 74 7.36 17.26 -22.16
N LYS A 75 7.81 18.32 -21.52
CA LYS A 75 7.81 18.38 -20.04
C LYS A 75 6.34 18.26 -19.58
N GLU A 76 5.45 18.97 -20.21
CA GLU A 76 4.04 18.86 -19.84
C GLU A 76 3.46 17.53 -20.05
N ARG A 77 3.80 16.87 -21.18
CA ARG A 77 3.32 15.57 -21.49
C ARG A 77 3.84 14.54 -20.45
N ILE A 78 5.13 14.63 -20.06
CA ILE A 78 5.68 13.72 -19.11
C ILE A 78 4.99 13.91 -17.75
N LEU A 79 4.82 15.17 -17.35
CA LEU A 79 4.17 15.42 -16.06
C LEU A 79 2.71 14.93 -16.08
N HIS A 80 2.03 15.08 -17.19
CA HIS A 80 0.64 14.65 -17.30
C HIS A 80 0.62 13.11 -17.15
N ASP A 81 1.53 12.46 -17.86
CA ASP A 81 1.61 11.02 -17.79
C ASP A 81 1.95 10.55 -16.37
N ALA A 82 2.86 11.19 -15.70
CA ALA A 82 3.21 10.80 -14.33
C ALA A 82 1.97 10.96 -13.39
N CYS A 83 1.18 12.00 -13.64
CA CYS A 83 -0.12 12.15 -12.91
C CYS A 83 -1.10 11.05 -13.20
N VAL A 84 -1.33 10.72 -14.44
CA VAL A 84 -2.21 9.64 -14.80
C VAL A 84 -1.68 8.36 -14.16
N GLY A 85 -0.41 8.11 -14.35
CA GLY A 85 0.19 6.89 -13.78
C GLY A 85 0.03 6.88 -12.20
N GLY A 86 0.27 7.97 -11.54
CA GLY A 86 0.07 8.11 -10.09
C GLY A 86 -1.42 7.75 -9.74
N TRP A 87 -2.38 8.24 -10.51
CA TRP A 87 -3.80 7.94 -10.26
C TRP A 87 -4.08 6.47 -10.47
N MET A 88 -3.43 5.82 -11.42
CA MET A 88 -3.58 4.38 -11.61
C MET A 88 -3.21 3.72 -10.26
N ILE A 89 -2.15 4.14 -9.62
CA ILE A 89 -1.75 3.52 -8.39
C ILE A 89 -2.76 3.84 -7.29
N GLU A 90 -3.19 5.09 -7.18
CA GLU A 90 -4.14 5.46 -6.16
C GLU A 90 -5.45 4.67 -6.30
N PHE A 91 -5.90 4.49 -7.54
CA PHE A 91 -7.09 3.67 -7.80
C PHE A 91 -6.87 2.21 -7.50
N LEU A 92 -5.68 1.70 -7.74
CA LEU A 92 -5.36 0.30 -7.36
C LEU A 92 -5.42 0.18 -5.87
N GLN A 93 -4.86 1.13 -5.19
CA GLN A 93 -4.99 1.08 -3.68
C GLN A 93 -6.45 1.11 -3.25
N ALA A 94 -7.20 2.03 -3.82
CA ALA A 94 -8.62 2.14 -3.51
C ALA A 94 -9.36 0.84 -3.66
N HIS A 95 -9.12 0.12 -4.76
CA HIS A 95 -9.59 -1.22 -4.98
C HIS A 95 -9.26 -2.09 -3.80
N TYR A 96 -8.01 -2.16 -3.45
CA TYR A 96 -7.60 -3.08 -2.38
C TYR A 96 -8.15 -2.64 -1.05
N LEU A 97 -8.32 -1.33 -0.78
CA LEU A 97 -8.85 -0.90 0.54
C LEU A 97 -10.34 -1.24 0.63
N VAL A 98 -11.07 -0.99 -0.46
CA VAL A 98 -12.53 -1.37 -0.49
C VAL A 98 -12.66 -2.87 -0.21
N GLU A 99 -11.92 -3.71 -0.92
CA GLU A 99 -12.16 -5.14 -0.84
C GLU A 99 -11.62 -5.68 0.54
N ASP A 100 -10.49 -5.14 0.99
CA ASP A 100 -9.89 -5.53 2.26
C ASP A 100 -10.80 -5.18 3.44
N ASP A 101 -11.43 -4.00 3.39
CA ASP A 101 -12.34 -3.59 4.45
C ASP A 101 -13.51 -4.51 4.49
N ILE A 102 -14.00 -5.00 3.34
CA ILE A 102 -15.14 -5.94 3.35
C ILE A 102 -14.65 -7.26 3.88
N MET A 103 -13.51 -7.72 3.36
CA MET A 103 -12.92 -9.00 3.79
C MET A 103 -12.73 -9.10 5.30
N ASP A 104 -12.27 -8.01 5.88
CA ASP A 104 -11.88 -7.95 7.30
C ASP A 104 -13.02 -7.52 8.22
N GLY A 105 -14.16 -7.12 7.68
CA GLY A 105 -15.28 -6.59 8.50
C GLY A 105 -14.86 -5.32 9.22
N SER A 106 -14.08 -4.49 8.55
CA SER A 106 -13.61 -3.28 9.09
C SER A 106 -14.73 -2.24 9.23
N VAL A 107 -14.55 -1.32 10.19
CA VAL A 107 -15.62 -0.38 10.53
C VAL A 107 -15.31 1.01 9.99
N MET A 108 -14.09 1.46 10.21
CA MET A 108 -13.65 2.72 9.74
C MET A 108 -12.37 2.66 8.98
N ARG A 109 -12.11 3.73 8.28
CA ARG A 109 -10.87 3.96 7.51
C ARG A 109 -10.68 5.47 7.39
N ARG A 110 -9.56 6.02 7.89
CA ARG A 110 -9.29 7.51 7.86
C ARG A 110 -10.39 8.31 8.59
N GLY A 111 -10.90 7.80 9.69
CA GLY A 111 -11.95 8.53 10.41
C GLY A 111 -13.30 8.62 9.71
N LYS A 112 -13.53 7.84 8.63
CA LYS A 112 -14.85 7.70 8.00
C LYS A 112 -15.30 6.19 7.90
N PRO A 113 -16.59 5.96 7.78
CA PRO A 113 -17.06 4.59 7.64
C PRO A 113 -16.42 3.96 6.37
N CYS A 114 -16.05 2.72 6.46
CA CYS A 114 -15.70 1.99 5.23
C CYS A 114 -16.81 2.07 4.18
N TRP A 115 -16.43 2.14 2.89
CA TRP A 115 -17.36 2.27 1.81
C TRP A 115 -18.52 1.32 1.94
N TYR A 116 -18.30 0.03 2.15
CA TYR A 116 -19.35 -0.95 2.16
C TYR A 116 -20.42 -0.69 3.24
N ARG A 117 -20.03 0.06 4.21
CA ARG A 117 -20.99 0.42 5.33
C ARG A 117 -21.81 1.60 5.08
N PHE A 118 -21.59 2.33 3.98
CA PHE A 118 -22.49 3.45 3.67
C PHE A 118 -23.90 2.89 3.43
N PRO A 119 -24.92 3.58 3.89
CA PRO A 119 -26.26 2.93 3.85
C PRO A 119 -26.81 2.48 2.52
N GLY A 120 -26.47 3.26 1.50
CA GLY A 120 -26.90 3.04 0.15
C GLY A 120 -25.88 2.32 -0.72
N VAL A 121 -24.88 1.68 -0.08
CA VAL A 121 -23.88 0.91 -0.82
C VAL A 121 -24.20 -0.57 -0.63
N THR A 122 -23.86 -1.02 0.54
CA THR A 122 -23.95 -2.41 0.96
C THR A 122 -22.83 -3.27 0.32
N THR A 123 -22.58 -4.41 0.93
CA THR A 123 -21.49 -5.28 0.49
C THR A 123 -21.82 -5.67 -0.97
N GLN A 124 -23.06 -5.99 -1.25
CA GLN A 124 -23.43 -6.50 -2.56
C GLN A 124 -22.91 -5.51 -3.63
N CYS A 125 -23.09 -4.24 -3.45
CA CYS A 125 -22.60 -3.26 -4.45
C CYS A 125 -21.10 -3.02 -4.27
N ALA A 126 -20.64 -2.86 -3.00
CA ALA A 126 -19.24 -2.49 -2.75
C ALA A 126 -18.20 -3.43 -3.37
N ILE A 127 -18.46 -4.72 -3.33
CA ILE A 127 -17.51 -5.72 -3.91
C ILE A 127 -17.33 -5.35 -5.38
N ASN A 128 -18.46 -5.08 -6.05
CA ASN A 128 -18.37 -4.72 -7.50
C ASN A 128 -17.80 -3.34 -7.70
N ASP A 129 -18.06 -2.42 -6.80
CA ASP A 129 -17.49 -1.07 -6.84
C ASP A 129 -15.96 -1.17 -6.80
N GLY A 130 -15.45 -2.09 -5.98
CA GLY A 130 -13.98 -2.26 -5.90
C GLY A 130 -13.44 -2.87 -7.18
N ILE A 131 -14.20 -3.74 -7.78
CA ILE A 131 -13.87 -4.30 -9.13
C ILE A 131 -13.69 -3.16 -10.18
N ILE A 132 -14.70 -2.34 -10.21
CA ILE A 132 -14.73 -1.17 -11.11
C ILE A 132 -13.50 -0.31 -10.89
N LEU A 133 -13.15 -0.03 -9.64
CA LEU A 133 -11.98 0.77 -9.30
C LEU A 133 -10.73 0.28 -10.02
N LYS A 134 -10.53 -1.01 -9.94
CA LYS A 134 -9.31 -1.57 -10.58
C LYS A 134 -9.51 -1.49 -12.11
N SER A 135 -10.71 -1.81 -12.59
CA SER A 135 -10.96 -1.74 -14.06
C SER A 135 -10.64 -0.33 -14.57
N TRP A 136 -10.97 0.72 -13.84
CA TRP A 136 -10.63 2.04 -14.24
C TRP A 136 -9.13 2.33 -14.42
N THR A 137 -8.27 1.65 -13.65
CA THR A 137 -6.84 1.78 -13.90
C THR A 137 -6.52 1.40 -15.33
N GLN A 138 -7.11 0.34 -15.84
CA GLN A 138 -6.80 -0.15 -17.18
C GLN A 138 -7.39 0.77 -18.24
N ILE A 139 -8.58 1.28 -17.93
CA ILE A 139 -9.19 2.26 -18.86
C ILE A 139 -8.34 3.46 -18.98
N MET A 140 -7.84 4.00 -17.88
CA MET A 140 -6.91 5.13 -17.89
C MET A 140 -5.70 4.84 -18.73
N ALA A 141 -5.07 3.70 -18.50
CA ALA A 141 -3.82 3.42 -19.19
C ALA A 141 -4.01 3.37 -20.75
N TRP A 142 -5.02 2.64 -21.16
CA TRP A 142 -5.26 2.40 -22.58
C TRP A 142 -5.62 3.73 -23.27
N HIS A 143 -6.33 4.59 -22.59
CA HIS A 143 -6.75 5.90 -23.17
C HIS A 143 -5.58 6.83 -23.16
N TYR A 144 -4.97 7.16 -22.03
CA TYR A 144 -3.95 8.16 -21.98
C TYR A 144 -2.62 7.69 -22.59
N PHE A 145 -2.32 6.42 -22.50
CA PHE A 145 -0.95 5.93 -22.95
C PHE A 145 -1.00 5.16 -24.25
N ALA A 146 -2.05 5.34 -25.02
CA ALA A 146 -2.29 4.50 -26.19
C ALA A 146 -1.10 4.49 -27.14
N ASP A 147 -0.52 5.64 -27.33
CA ASP A 147 0.57 5.58 -28.35
C ASP A 147 1.95 5.59 -27.71
N ARG A 148 2.05 5.39 -26.39
CA ARG A 148 3.28 5.66 -25.71
C ARG A 148 4.23 4.48 -25.81
N PRO A 149 5.53 4.74 -25.87
CA PRO A 149 6.47 3.60 -26.05
C PRO A 149 6.57 2.74 -24.83
N PHE A 150 6.22 3.32 -23.67
CA PHE A 150 6.28 2.65 -22.38
C PHE A 150 5.00 1.87 -22.04
N LEU A 151 3.99 1.89 -22.90
CA LEU A 151 2.70 1.24 -22.60
C LEU A 151 2.83 -0.22 -22.22
N LYS A 152 3.52 -1.00 -23.05
CA LYS A 152 3.72 -2.41 -22.77
C LYS A 152 4.35 -2.63 -21.39
N ASP A 153 5.52 -2.05 -21.18
CA ASP A 153 6.24 -2.22 -19.92
C ASP A 153 5.39 -1.77 -18.73
N LEU A 154 4.68 -0.62 -18.87
CA LEU A 154 3.81 -0.14 -17.77
C LEU A 154 2.68 -1.12 -17.45
N LEU A 155 1.98 -1.64 -18.46
CA LEU A 155 0.88 -2.61 -18.25
C LEU A 155 1.43 -3.88 -17.62
N CYS A 156 2.58 -4.37 -18.12
CA CYS A 156 3.16 -5.62 -17.60
C CYS A 156 3.59 -5.45 -16.10
N LEU A 157 4.25 -4.37 -15.76
CA LEU A 157 4.63 -4.01 -14.41
C LEU A 157 3.40 -3.90 -13.47
N PHE A 158 2.39 -3.12 -13.95
CA PHE A 158 1.17 -2.96 -13.18
C PHE A 158 0.54 -4.28 -12.83
N GLN A 159 0.49 -5.15 -13.81
N GLN A 159 0.44 -5.20 -13.81
CA GLN A 159 -0.14 -6.42 -13.73
CA GLN A 159 -0.14 -6.53 -13.61
C GLN A 159 0.59 -7.34 -12.72
C GLN A 159 0.61 -7.27 -12.56
N LYS A 160 1.91 -7.35 -12.77
CA LYS A 160 2.73 -8.09 -11.79
C LYS A 160 2.60 -7.57 -10.32
N VAL A 161 2.52 -6.26 -10.16
CA VAL A 161 2.38 -5.67 -8.89
C VAL A 161 0.97 -5.96 -8.31
N ASP A 162 -0.06 -5.87 -9.15
CA ASP A 162 -1.43 -6.21 -8.72
C ASP A 162 -1.44 -7.65 -8.22
N TYR A 163 -0.88 -8.58 -9.00
CA TYR A 163 -0.85 -9.96 -8.64
C TYR A 163 -0.06 -10.20 -7.35
N ALA A 164 1.09 -9.59 -7.23
CA ALA A 164 1.90 -9.71 -6.03
C ALA A 164 1.06 -9.30 -4.83
N THR A 165 0.32 -8.21 -4.97
CA THR A 165 -0.50 -7.66 -3.93
C THR A 165 -1.58 -8.65 -3.49
N ALA A 166 -2.26 -9.28 -4.42
CA ALA A 166 -3.31 -10.24 -4.09
C ALA A 166 -2.67 -11.47 -3.45
N VAL A 167 -1.50 -11.88 -3.93
CA VAL A 167 -0.76 -12.95 -3.23
C VAL A 167 -0.42 -12.57 -1.79
N GLY A 168 0.08 -11.37 -1.59
CA GLY A 168 0.29 -10.81 -0.30
C GLY A 168 -0.92 -10.80 0.63
N GLN A 169 -2.06 -10.42 0.08
CA GLN A 169 -3.32 -10.50 0.79
C GLN A 169 -3.60 -11.90 1.30
N MET A 170 -3.35 -12.90 0.44
CA MET A 170 -3.51 -14.31 0.83
C MET A 170 -2.55 -14.68 1.95
N TYR A 171 -1.32 -14.20 1.87
CA TYR A 171 -0.35 -14.51 2.95
C TYR A 171 -0.83 -13.92 4.25
N ASP A 172 -1.37 -12.72 4.19
CA ASP A 172 -1.83 -11.97 5.34
C ASP A 172 -3.06 -12.63 6.00
N VAL A 173 -4.08 -12.90 5.22
CA VAL A 173 -5.32 -13.44 5.80
C VAL A 173 -5.08 -14.83 6.37
N THR A 174 -4.03 -15.53 5.91
CA THR A 174 -3.78 -16.91 6.31
C THR A 174 -2.67 -16.95 7.37
N SER A 175 -2.20 -15.83 7.82
CA SER A 175 -0.97 -15.71 8.64
C SER A 175 -1.14 -16.33 10.07
N MET A 176 -2.38 -16.45 10.51
CA MET A 176 -2.66 -17.06 11.82
C MET A 176 -3.14 -18.48 11.76
N CYS A 177 -3.05 -19.15 10.60
CA CYS A 177 -3.35 -20.56 10.45
C CYS A 177 -2.04 -21.30 10.43
N ASP A 178 -2.07 -22.60 10.76
CA ASP A 178 -0.88 -23.41 10.55
C ASP A 178 -0.90 -23.84 9.13
N SER A 179 0.23 -23.69 8.44
CA SER A 179 0.25 -23.98 7.03
C SER A 179 -0.11 -25.38 6.68
N ASN A 180 0.31 -26.36 7.51
CA ASN A 180 0.05 -27.74 7.25
C ASN A 180 -1.45 -28.06 7.34
N LYS A 181 -2.22 -27.17 7.95
CA LYS A 181 -3.71 -27.39 8.14
C LYS A 181 -4.62 -26.69 7.10
N LEU A 182 -4.05 -25.87 6.23
CA LEU A 182 -4.83 -25.17 5.18
C LEU A 182 -5.49 -26.20 4.36
N ASP A 183 -6.75 -26.02 4.12
CA ASP A 183 -7.58 -26.97 3.43
C ASP A 183 -8.98 -26.39 3.19
N PRO A 184 -9.37 -26.13 1.92
CA PRO A 184 -10.69 -25.54 1.67
C PRO A 184 -11.86 -26.28 2.30
N GLU A 185 -11.70 -27.62 2.49
CA GLU A 185 -12.75 -28.41 3.08
C GLU A 185 -12.88 -28.26 4.59
N VAL A 186 -11.91 -27.65 5.29
CA VAL A 186 -11.91 -27.71 6.77
C VAL A 186 -11.77 -26.39 7.37
N ALA A 187 -12.69 -26.04 8.27
CA ALA A 187 -12.61 -24.73 8.89
C ALA A 187 -11.28 -24.56 9.63
N GLN A 188 -10.69 -23.39 9.47
CA GLN A 188 -9.28 -23.24 9.88
C GLN A 188 -9.13 -22.79 11.30
N PRO A 189 -8.50 -23.63 12.16
CA PRO A 189 -8.20 -23.16 13.50
C PRO A 189 -7.08 -22.14 13.51
N MET A 190 -7.12 -21.28 14.47
CA MET A 190 -5.98 -20.44 14.76
C MET A 190 -4.80 -21.35 15.24
N THR A 191 -3.57 -20.95 14.90
CA THR A 191 -2.39 -21.60 15.40
C THR A 191 -2.41 -21.54 16.92
N THR A 192 -1.89 -22.62 17.53
CA THR A 192 -1.70 -22.68 18.99
C THR A 192 -0.22 -22.51 19.28
N ASP A 193 0.64 -22.95 18.38
CA ASP A 193 2.15 -22.86 18.60
C ASP A 193 2.80 -21.55 18.19
N PHE A 194 2.15 -20.81 17.28
CA PHE A 194 2.75 -19.59 16.73
C PHE A 194 4.14 -19.85 16.12
N ALA A 195 4.40 -21.05 15.64
CA ALA A 195 5.72 -21.38 15.06
C ALA A 195 5.95 -20.64 13.77
N GLU A 196 4.86 -20.24 13.13
CA GLU A 196 4.99 -19.43 11.97
C GLU A 196 5.08 -17.93 12.15
N PHE A 197 5.20 -17.41 13.39
CA PHE A 197 5.34 -16.04 13.66
C PHE A 197 6.85 -15.75 13.69
N THR A 198 7.46 -15.77 12.52
CA THR A 198 8.91 -15.59 12.38
C THR A 198 9.25 -14.34 11.57
N PRO A 199 10.52 -13.92 11.65
CA PRO A 199 10.99 -12.85 10.79
C PRO A 199 10.80 -13.18 9.32
N ALA A 200 11.26 -14.33 8.86
CA ALA A 200 11.13 -14.64 7.44
C ALA A 200 9.68 -14.61 6.94
N ILE A 201 8.77 -15.10 7.77
CA ILE A 201 7.34 -15.23 7.36
C ILE A 201 6.70 -13.87 7.38
N TYR A 202 6.92 -13.10 8.45
CA TYR A 202 6.52 -11.71 8.44
C TYR A 202 6.98 -10.94 7.22
N LYS A 203 8.25 -11.01 6.90
CA LYS A 203 8.82 -10.29 5.78
C LYS A 203 8.09 -10.69 4.52
N ARG A 204 7.78 -11.95 4.32
CA ARG A 204 7.08 -12.38 3.12
C ARG A 204 5.70 -11.71 3.00
N ILE A 205 4.95 -11.67 4.10
CA ILE A 205 3.64 -11.02 4.08
C ILE A 205 3.79 -9.61 3.67
N VAL A 206 4.69 -8.88 4.34
CA VAL A 206 4.78 -7.46 4.05
C VAL A 206 5.31 -7.14 2.63
N LYS A 207 6.29 -7.90 2.16
CA LYS A 207 6.86 -7.66 0.87
C LYS A 207 5.81 -7.69 -0.20
N TYR A 208 4.98 -8.74 -0.16
CA TYR A 208 3.91 -8.90 -1.19
C TYR A 208 2.67 -8.03 -0.95
N LYS A 209 2.23 -7.91 0.29
CA LYS A 209 0.98 -7.23 0.54
C LYS A 209 1.04 -5.70 0.37
N THR A 210 2.23 -5.12 0.62
CA THR A 210 2.34 -3.70 0.71
C THR A 210 3.45 -3.17 -0.15
N THR A 211 4.62 -3.78 -0.15
CA THR A 211 5.79 -3.01 -0.64
C THR A 211 5.73 -2.89 -2.16
N PHE A 212 5.23 -3.90 -2.85
CA PHE A 212 5.22 -3.84 -4.33
C PHE A 212 4.35 -2.62 -4.78
N TYR A 213 3.15 -2.43 -4.26
CA TYR A 213 2.24 -1.38 -4.75
C TYR A 213 2.52 -0.05 -4.10
N THR A 214 3.11 -0.01 -2.88
CA THR A 214 3.32 1.25 -2.21
C THR A 214 4.65 1.89 -2.59
N TYR A 215 5.65 1.06 -2.78
CA TYR A 215 7.01 1.65 -3.08
C TYR A 215 7.59 1.20 -4.38
N LEU A 216 7.52 -0.06 -4.79
CA LEU A 216 8.16 -0.44 -6.06
C LEU A 216 7.42 0.19 -7.24
N LEU A 217 6.10 0.06 -7.24
CA LEU A 217 5.31 0.50 -8.40
C LEU A 217 5.45 2.02 -8.58
N PRO A 218 5.31 2.89 -7.53
CA PRO A 218 5.45 4.33 -7.81
C PRO A 218 6.85 4.70 -8.36
N LEU A 219 7.87 4.08 -7.81
CA LEU A 219 9.25 4.38 -8.27
C LEU A 219 9.46 3.98 -9.71
N VAL A 220 9.11 2.77 -10.06
CA VAL A 220 9.32 2.27 -11.41
C VAL A 220 8.40 2.89 -12.40
N MET A 221 7.17 3.19 -11.98
CA MET A 221 6.30 3.96 -12.87
C MET A 221 6.89 5.34 -13.19
N GLY A 222 7.44 6.03 -12.21
CA GLY A 222 8.12 7.29 -12.54
C GLY A 222 9.24 7.13 -13.56
N LEU A 223 10.01 6.08 -13.37
CA LEU A 223 11.03 5.73 -14.37
C LEU A 223 10.44 5.48 -15.75
N LEU A 224 9.37 4.72 -15.84
CA LEU A 224 8.81 4.36 -17.15
C LEU A 224 8.26 5.58 -17.88
N VAL A 225 7.54 6.42 -17.21
CA VAL A 225 6.94 7.60 -17.89
C VAL A 225 8.03 8.63 -18.27
N SER A 226 9.14 8.54 -17.58
CA SER A 226 10.34 9.36 -17.92
C SER A 226 11.30 8.70 -18.94
N GLU A 227 11.01 7.51 -19.41
CA GLU A 227 11.88 6.71 -20.30
C GLU A 227 13.29 6.69 -19.72
N ALA A 228 13.35 6.45 -18.41
CA ALA A 228 14.61 6.53 -17.67
C ALA A 228 15.04 5.16 -17.06
N ALA A 229 14.32 4.08 -17.34
CA ALA A 229 14.62 2.81 -16.67
C ALA A 229 16.09 2.37 -16.86
N ALA A 230 16.82 2.87 -17.87
CA ALA A 230 18.31 2.68 -17.93
C ALA A 230 19.23 3.60 -17.09
N SER A 231 18.71 4.60 -16.39
CA SER A 231 19.47 5.25 -15.31
C SER A 231 19.50 4.49 -14.01
N VAL A 232 18.94 3.28 -13.98
CA VAL A 232 18.97 2.59 -12.71
C VAL A 232 19.35 1.19 -12.89
N GLU A 233 19.86 0.65 -11.82
CA GLU A 233 19.96 -0.82 -11.69
C GLU A 233 18.67 -1.29 -11.01
N MET A 234 17.87 -2.00 -11.75
CA MET A 234 16.57 -2.43 -11.25
C MET A 234 16.66 -3.28 -9.99
N ASN A 235 17.69 -4.17 -9.89
CA ASN A 235 17.80 -4.88 -8.63
C ASN A 235 18.01 -4.00 -7.41
N LEU A 236 18.71 -2.86 -7.50
CA LEU A 236 18.71 -1.90 -6.40
C LEU A 236 17.42 -1.26 -6.11
N VAL A 237 16.69 -0.93 -7.16
CA VAL A 237 15.38 -0.32 -6.94
C VAL A 237 14.50 -1.31 -6.15
N GLU A 238 14.46 -2.56 -6.56
CA GLU A 238 13.72 -3.57 -5.85
C GLU A 238 14.15 -3.69 -4.40
N ARG A 239 15.43 -3.78 -4.15
CA ARG A 239 15.93 -3.94 -2.76
C ARG A 239 15.59 -2.79 -1.87
N VAL A 240 15.73 -1.56 -2.38
CA VAL A 240 15.44 -0.43 -1.53
C VAL A 240 13.95 -0.29 -1.32
N ALA A 241 13.14 -0.56 -2.36
CA ALA A 241 11.66 -0.58 -2.19
C ALA A 241 11.25 -1.59 -1.09
N HIS A 242 11.83 -2.77 -1.10
CA HIS A 242 11.42 -3.84 -0.19
C HIS A 242 11.82 -3.46 1.22
N LEU A 243 12.96 -2.80 1.36
CA LEU A 243 13.35 -2.33 2.65
C LEU A 243 12.53 -1.19 3.23
N ILE A 244 12.33 -0.17 2.44
CA ILE A 244 11.53 0.92 2.97
C ILE A 244 10.08 0.50 3.23
N GLY A 245 9.56 -0.35 2.34
CA GLY A 245 8.18 -0.81 2.54
C GLY A 245 8.01 -1.62 3.83
N GLU A 246 8.98 -2.48 4.12
CA GLU A 246 8.98 -3.21 5.36
C GLU A 246 8.92 -2.29 6.54
N TYR A 247 9.75 -1.25 6.53
CA TYR A 247 9.72 -0.29 7.62
C TYR A 247 8.39 0.40 7.82
N PHE A 248 7.78 0.79 6.69
CA PHE A 248 6.45 1.40 6.67
C PHE A 248 5.47 0.50 7.42
N GLN A 249 5.52 -0.78 7.08
CA GLN A 249 4.55 -1.73 7.70
C GLN A 249 4.79 -1.95 9.18
N VAL A 250 6.07 -1.97 9.57
CA VAL A 250 6.41 -2.09 10.96
C VAL A 250 5.84 -0.92 11.76
N GLN A 251 5.99 0.28 11.25
CA GLN A 251 5.36 1.45 11.85
C GLN A 251 3.87 1.32 11.91
N ASP A 252 3.25 0.88 10.81
CA ASP A 252 1.79 0.68 10.78
C ASP A 252 1.38 -0.31 11.86
N ASP A 253 2.14 -1.36 12.04
CA ASP A 253 1.81 -2.37 13.04
C ASP A 253 1.88 -1.83 14.46
N VAL A 254 2.92 -1.05 14.76
CA VAL A 254 3.06 -0.44 16.08
C VAL A 254 1.90 0.49 16.35
N MET A 255 1.54 1.29 15.37
CA MET A 255 0.44 2.26 15.56
C MET A 255 -0.90 1.56 15.79
N ASP A 256 -1.10 0.43 15.13
CA ASP A 256 -2.36 -0.32 15.30
C ASP A 256 -2.64 -0.61 16.79
N CYS A 257 -1.58 -0.92 17.53
CA CYS A 257 -1.69 -1.31 18.93
C CYS A 257 -1.68 -0.06 19.81
N PHE A 258 -0.85 0.92 19.48
CA PHE A 258 -0.50 1.99 20.47
C PHE A 258 -1.00 3.42 20.19
N THR A 259 -1.35 3.75 18.94
CA THR A 259 -1.87 5.08 18.56
C THR A 259 -3.35 5.15 18.93
N PRO A 260 -3.76 6.22 19.68
CA PRO A 260 -5.14 6.53 19.97
C PRO A 260 -6.02 6.40 18.71
N PRO A 261 -7.21 5.79 18.84
CA PRO A 261 -8.05 5.62 17.63
C PRO A 261 -8.37 6.93 16.83
N GLU A 262 -8.71 8.03 17.52
CA GLU A 262 -8.95 9.32 16.82
C GLU A 262 -7.76 9.77 15.96
N GLN A 263 -6.54 9.42 16.39
CA GLN A 263 -5.32 9.75 15.63
C GLN A 263 -5.10 8.70 14.56
N LEU A 264 -5.27 7.43 14.91
CA LEU A 264 -5.17 6.34 13.90
C LEU A 264 -6.22 6.39 12.73
N GLY A 265 -7.37 7.05 12.91
CA GLY A 265 -8.53 6.95 11.99
C GLY A 265 -9.38 5.65 12.07
N LYS A 266 -9.07 4.77 13.03
CA LYS A 266 -9.82 3.54 13.25
C LYS A 266 -9.44 2.98 14.62
N VAL A 267 -10.21 2.00 15.07
CA VAL A 267 -9.92 1.21 16.30
C VAL A 267 -9.09 0.03 15.78
N GLY A 268 -7.82 -0.08 16.20
CA GLY A 268 -6.99 -1.16 15.74
C GLY A 268 -7.44 -2.49 16.32
N THR A 269 -7.48 -3.53 15.48
CA THR A 269 -7.85 -4.88 15.92
C THR A 269 -6.81 -5.97 15.58
N ASP A 270 -5.55 -5.63 15.30
CA ASP A 270 -4.57 -6.72 14.96
C ASP A 270 -4.47 -7.81 16.04
N ILE A 271 -4.51 -7.43 17.32
CA ILE A 271 -4.49 -8.44 18.39
C ILE A 271 -5.67 -9.40 18.36
N GLU A 272 -6.88 -8.88 18.26
CA GLU A 272 -8.09 -9.71 18.19
C GLU A 272 -8.14 -10.55 16.93
N ASP A 273 -7.62 -10.00 15.85
CA ASP A 273 -7.53 -10.70 14.53
C ASP A 273 -6.37 -11.67 14.40
N ALA A 274 -5.54 -11.76 15.45
CA ALA A 274 -4.41 -12.66 15.56
C ALA A 274 -3.42 -12.40 14.45
N LYS A 275 -3.23 -11.13 14.12
CA LYS A 275 -2.36 -10.86 12.95
C LYS A 275 -0.91 -11.18 13.26
N CYS A 276 -0.17 -11.57 12.22
CA CYS A 276 1.27 -11.69 12.33
C CYS A 276 1.87 -10.29 12.24
N SER A 277 1.88 -9.57 13.35
CA SER A 277 2.37 -8.23 13.39
C SER A 277 3.86 -8.16 13.80
N TRP A 278 4.47 -7.00 13.58
CA TRP A 278 5.81 -6.84 14.03
C TRP A 278 5.89 -6.97 15.57
N LEU A 279 4.88 -6.44 16.28
CA LEU A 279 4.85 -6.57 17.73
C LEU A 279 4.83 -8.05 18.12
N ALA A 280 3.98 -8.87 17.48
CA ALA A 280 3.88 -10.24 17.96
C ALA A 280 5.14 -11.06 17.65
N VAL A 281 5.72 -10.85 16.49
CA VAL A 281 6.89 -11.60 16.09
C VAL A 281 8.10 -11.13 16.99
N THR A 282 8.23 -9.82 17.23
CA THR A 282 9.39 -9.28 17.99
C THR A 282 9.21 -9.73 19.48
N PHE A 283 7.93 -9.74 19.92
CA PHE A 283 7.64 -10.19 21.29
C PHE A 283 8.03 -11.65 21.46
N LEU A 284 7.63 -12.52 20.50
CA LEU A 284 7.92 -13.90 20.60
C LEU A 284 9.41 -14.20 20.42
N GLY A 285 10.10 -13.30 19.74
CA GLY A 285 11.55 -13.35 19.58
C GLY A 285 12.37 -13.10 20.83
N LYS A 286 11.75 -12.55 21.87
CA LYS A 286 12.50 -12.19 23.10
C LYS A 286 11.85 -12.66 24.44
N ALA A 287 10.65 -13.22 24.35
CA ALA A 287 9.89 -13.60 25.50
C ALA A 287 10.47 -14.83 26.15
N ASN A 288 10.21 -14.93 27.47
CA ASN A 288 10.55 -16.17 28.17
C ASN A 288 9.38 -17.13 28.11
N ALA A 289 9.49 -18.34 28.71
CA ALA A 289 8.46 -19.36 28.60
C ALA A 289 7.14 -18.87 29.19
N ALA A 290 7.19 -18.20 30.33
CA ALA A 290 5.97 -17.74 30.99
C ALA A 290 5.24 -16.71 30.13
N GLN A 291 6.02 -15.78 29.58
CA GLN A 291 5.46 -14.71 28.70
C GLN A 291 4.82 -15.29 27.42
N VAL A 292 5.50 -16.27 26.83
CA VAL A 292 4.99 -16.95 25.65
C VAL A 292 3.65 -17.58 26.00
N ALA A 293 3.59 -18.24 27.15
CA ALA A 293 2.37 -18.92 27.52
C ALA A 293 1.22 -17.98 27.76
N GLU A 294 1.52 -16.84 28.36
CA GLU A 294 0.49 -15.83 28.62
C GLU A 294 -0.02 -15.21 27.28
N PHE A 295 0.93 -14.98 26.39
CA PHE A 295 0.60 -14.54 25.01
C PHE A 295 -0.32 -15.51 24.34
N LYS A 296 -0.02 -16.80 24.38
CA LYS A 296 -0.92 -17.80 23.73
C LYS A 296 -2.28 -17.81 24.35
N ALA A 297 -2.36 -17.57 25.66
CA ALA A 297 -3.68 -17.68 26.26
C ALA A 297 -4.55 -16.51 25.98
N ASN A 298 -4.01 -15.39 25.47
CA ASN A 298 -4.80 -14.21 25.32
C ASN A 298 -4.94 -13.62 23.88
N TYR A 299 -4.03 -14.01 22.98
CA TYR A 299 -3.97 -13.39 21.65
C TYR A 299 -5.12 -13.98 20.80
N GLY A 300 -5.56 -13.15 19.82
CA GLY A 300 -6.55 -13.56 18.86
C GLY A 300 -7.96 -13.71 19.39
N GLU A 301 -8.30 -12.96 20.44
CA GLU A 301 -9.61 -13.06 21.09
C GLU A 301 -10.21 -11.69 21.16
N LYS A 302 -11.51 -11.61 20.87
CA LYS A 302 -12.18 -10.31 20.91
C LYS A 302 -12.28 -9.74 22.36
N ASP A 303 -12.34 -10.60 23.37
CA ASP A 303 -12.44 -10.20 24.79
C ASP A 303 -11.51 -9.03 25.22
N PRO A 304 -12.05 -7.83 25.57
CA PRO A 304 -11.09 -6.74 25.88
C PRO A 304 -10.11 -7.02 26.96
N ALA A 305 -10.50 -7.82 27.95
CA ALA A 305 -9.59 -8.23 29.02
C ALA A 305 -8.30 -8.85 28.43
N LYS A 306 -8.50 -9.75 27.46
CA LYS A 306 -7.39 -10.54 26.87
C LYS A 306 -6.52 -9.65 25.98
N VAL A 307 -7.17 -8.73 25.27
CA VAL A 307 -6.45 -7.77 24.46
C VAL A 307 -5.60 -6.87 25.36
N ALA A 308 -6.12 -6.44 26.52
CA ALA A 308 -5.32 -5.55 27.41
C ALA A 308 -4.10 -6.34 27.97
N VAL A 309 -4.27 -7.64 28.20
CA VAL A 309 -3.18 -8.51 28.65
C VAL A 309 -2.06 -8.57 27.58
N VAL A 310 -2.45 -8.73 26.31
CA VAL A 310 -1.46 -8.71 25.23
C VAL A 310 -0.75 -7.35 25.18
N LYS A 311 -1.51 -6.25 25.21
CA LYS A 311 -0.93 -4.90 25.25
C LYS A 311 0.04 -4.67 26.42
N ARG A 312 -0.38 -5.08 27.61
CA ARG A 312 0.51 -5.06 28.78
C ARG A 312 1.77 -5.89 28.48
N LEU A 313 1.61 -7.11 27.97
CA LEU A 313 2.78 -7.91 27.64
C LEU A 313 3.75 -7.17 26.67
N TYR A 314 3.21 -6.43 25.72
CA TYR A 314 4.09 -5.71 24.78
C TYR A 314 4.89 -4.56 25.41
N SER A 315 4.18 -3.77 26.26
CA SER A 315 4.71 -2.63 27.03
C SER A 315 5.80 -3.16 27.92
N LYS A 316 5.48 -4.20 28.71
CA LYS A 316 6.46 -4.74 29.63
C LYS A 316 7.71 -5.28 28.96
N ALA A 317 7.63 -5.68 27.68
CA ALA A 317 8.73 -6.37 26.99
C ALA A 317 9.70 -5.40 26.30
N ASN A 318 9.50 -4.11 26.48
CA ASN A 318 10.44 -3.09 26.09
C ASN A 318 10.69 -3.16 24.55
N LEU A 319 9.61 -3.29 23.79
CA LEU A 319 9.74 -3.40 22.30
C LEU A 319 10.21 -2.12 21.67
N GLN A 320 9.96 -0.98 22.29
CA GLN A 320 10.55 0.32 21.82
C GLN A 320 12.02 0.19 21.57
N ALA A 321 12.70 -0.59 22.38
CA ALA A 321 14.15 -0.81 22.21
C ALA A 321 14.45 -1.61 20.96
N ASP A 322 13.67 -2.65 20.71
CA ASP A 322 13.88 -3.46 19.48
C ASP A 322 13.53 -2.54 18.32
N PHE A 323 12.50 -1.72 18.48
CA PHE A 323 12.09 -0.80 17.39
C PHE A 323 13.24 0.16 17.05
N ALA A 324 13.87 0.76 18.06
CA ALA A 324 14.97 1.72 17.79
C ALA A 324 16.12 1.02 17.06
N ALA A 325 16.45 -0.20 17.49
CA ALA A 325 17.47 -1.03 16.88
C ALA A 325 17.13 -1.40 15.42
N TYR A 326 15.87 -1.78 15.16
CA TYR A 326 15.46 -2.05 13.80
C TYR A 326 15.63 -0.81 12.95
N GLU A 327 15.16 0.31 13.45
CA GLU A 327 15.19 1.57 12.77
C GLU A 327 16.60 1.93 12.41
N ALA A 328 17.51 1.81 13.40
CA ALA A 328 18.95 2.01 13.09
C ALA A 328 19.49 1.23 11.96
N GLU A 329 19.16 -0.03 11.93
CA GLU A 329 19.63 -0.95 10.93
C GLU A 329 19.04 -0.59 9.54
N VAL A 330 17.74 -0.22 9.54
CA VAL A 330 17.08 0.23 8.28
C VAL A 330 17.73 1.51 7.76
N VAL A 331 17.99 2.47 8.64
CA VAL A 331 18.71 3.73 8.23
C VAL A 331 20.02 3.41 7.58
N ARG A 332 20.76 2.48 8.17
CA ARG A 332 21.99 2.00 7.57
C ARG A 332 21.84 1.46 6.20
N GLU A 333 20.95 0.50 6.06
CA GLU A 333 20.80 -0.22 4.81
C GLU A 333 20.24 0.70 3.71
N VAL A 334 19.29 1.53 4.08
CA VAL A 334 18.65 2.47 3.08
C VAL A 334 19.70 3.46 2.60
N GLU A 335 20.47 4.00 3.53
CA GLU A 335 21.61 4.85 3.14
C GLU A 335 22.62 4.19 2.21
N SER A 336 22.94 2.93 2.49
CA SER A 336 23.83 2.18 1.65
C SER A 336 23.26 2.06 0.23
N LEU A 337 21.96 1.72 0.18
CA LEU A 337 21.31 1.54 -1.15
C LEU A 337 21.26 2.84 -1.93
N ILE A 338 20.96 3.92 -1.24
CA ILE A 338 20.92 5.28 -1.85
C ILE A 338 22.28 5.61 -2.46
N GLU A 339 23.34 5.22 -1.71
CA GLU A 339 24.66 5.40 -2.26
C GLU A 339 24.94 4.64 -3.48
N GLN A 340 24.54 3.38 -3.49
CA GLN A 340 24.76 2.55 -4.62
C GLN A 340 23.90 3.14 -5.86
N LEU A 341 22.70 3.69 -5.60
CA LEU A 341 21.85 4.25 -6.69
C LEU A 341 22.45 5.58 -7.29
N LYS A 342 23.13 6.38 -6.47
CA LYS A 342 23.92 7.57 -6.98
C LYS A 342 24.91 7.33 -8.05
N VAL A 343 25.44 6.13 -8.14
CA VAL A 343 26.36 5.76 -9.15
C VAL A 343 25.79 5.98 -10.54
N LYS A 344 24.63 5.38 -10.83
CA LYS A 344 23.94 5.57 -12.11
C LYS A 344 23.08 6.81 -12.18
N SER A 345 22.46 7.24 -11.09
CA SER A 345 21.54 8.41 -11.14
C SER A 345 21.44 9.03 -9.85
N PRO A 346 22.15 10.14 -9.68
CA PRO A 346 21.97 10.95 -8.50
C PRO A 346 20.60 11.48 -8.31
N THR A 347 19.93 11.84 -9.40
CA THR A 347 18.55 12.28 -9.36
C THR A 347 17.63 11.25 -8.71
N PHE A 348 17.72 10.04 -9.25
CA PHE A 348 16.83 8.95 -8.82
C PHE A 348 17.17 8.68 -7.36
N ALA A 349 18.45 8.62 -7.09
CA ALA A 349 18.86 8.46 -5.66
C ALA A 349 18.27 9.47 -4.77
N GLU A 350 18.18 10.77 -5.18
CA GLU A 350 17.55 11.75 -4.38
C GLU A 350 16.04 11.56 -4.20
N SER A 351 15.35 11.09 -5.26
CA SER A 351 13.91 10.80 -5.11
C SER A 351 13.70 9.72 -4.06
N VAL A 352 14.59 8.71 -4.08
CA VAL A 352 14.52 7.62 -3.10
C VAL A 352 14.80 8.19 -1.72
N ALA A 353 15.76 9.11 -1.59
CA ALA A 353 15.96 9.76 -0.29
C ALA A 353 14.71 10.47 0.20
N VAL A 354 14.00 11.16 -0.69
CA VAL A 354 12.78 11.79 -0.30
C VAL A 354 11.71 10.80 0.15
N VAL A 355 11.50 9.75 -0.61
CA VAL A 355 10.62 8.65 -0.26
C VAL A 355 10.94 8.16 1.17
N TRP A 356 12.23 7.92 1.42
CA TRP A 356 12.65 7.47 2.73
C TRP A 356 12.37 8.55 3.79
N GLU A 357 12.76 9.79 3.55
CA GLU A 357 12.40 10.84 4.57
C GLU A 357 10.94 10.90 4.89
N LYS A 358 10.06 10.86 3.90
CA LYS A 358 8.65 10.91 4.14
C LYS A 358 8.12 9.69 4.87
N THR A 359 8.75 8.56 4.70
CA THR A 359 8.35 7.37 5.45
C THR A 359 8.87 7.39 6.92
N HIS A 360 10.11 7.75 7.02
CA HIS A 360 10.87 7.73 8.28
C HIS A 360 10.35 8.77 9.27
N LYS A 361 10.00 9.96 8.80
CA LYS A 361 9.53 11.05 9.69
C LYS A 361 8.05 10.94 10.10
N ARG A 362 7.14 10.73 9.15
CA ARG A 362 5.65 10.95 9.29
C ARG A 362 4.99 10.99 10.70
#